data_8WWY
#
_entry.id   8WWY
#
_cell.length_a   88.758
_cell.length_b   88.758
_cell.length_c   297.367
_cell.angle_alpha   90.000
_cell.angle_beta   90.000
_cell.angle_gamma   120.000
#
_symmetry.space_group_name_H-M   'P 61 2 2'
#
loop_
_entity.id
_entity.type
_entity.pdbx_description
1 polymer 'TRAF-interacting protein with FHA domain-containing protein A'
2 polymer 'TRAF-interacting protein with FHA domain-containing protein B'
3 non-polymer (2R,5R)-hexane-2,5-diol
4 water water
#
loop_
_entity_poly.entity_id
_entity_poly.type
_entity_poly.pdbx_seq_one_letter_code
_entity_poly.pdbx_strand_id
1 'polypeptide(L)'
;MSTFEDADTEETVTCLQMTIYHPGQQSGIFKSIRFSSKEKFPSIEVVKFGRNSNMCQYTFQDKQVSRIQFVLQPFKQFNS
SVLSFEIKNMSKKTSLMVDNQELGYLNKMDLPYKCMLRFGEYQFLLQKEDGESVESFETQFIMSSRPLLQ
;
A,C
2 'polypeptide(L)'
;GPLGSMERPLTVLQVSLYHPTQGPVAFAHVPQQLQHDASRLLVGRGQNTHLQLQLPQLSRYHLSLEPYLEKGSSLLAFCL
KVLTRKSCVWVNGLPLRYLEQVPLGTINRISFSGIQMLVRKEGGASLETFVCYFHLSPSPLIYR
;
B,D
#
# COMPACT_ATOMS: atom_id res chain seq x y z
N GLU A 11 14.33 31.53 -0.31
CA GLU A 11 14.42 30.26 0.39
C GLU A 11 15.57 29.40 -0.14
N THR A 12 16.25 28.70 0.77
CA THR A 12 17.23 27.71 0.38
C THR A 12 16.57 26.59 -0.42
N VAL A 13 17.38 25.85 -1.18
CA VAL A 13 16.90 24.83 -2.09
C VAL A 13 17.58 23.52 -1.77
N THR A 14 16.80 22.46 -1.62
CA THR A 14 17.36 21.12 -1.46
C THR A 14 18.29 20.80 -2.61
N CYS A 15 19.47 20.24 -2.29
CA CYS A 15 20.45 19.87 -3.30
C CYS A 15 20.75 18.39 -3.22
N LEU A 16 20.73 17.72 -4.37
CA LEU A 16 21.22 16.33 -4.48
C LEU A 16 22.64 16.42 -5.06
N GLN A 17 23.65 16.26 -4.21
CA GLN A 17 25.04 16.27 -4.67
C GLN A 17 25.45 14.85 -5.04
N MET A 18 25.77 14.65 -6.31
CA MET A 18 26.13 13.33 -6.81
C MET A 18 27.58 13.37 -7.27
N THR A 19 28.44 12.68 -6.53
CA THR A 19 29.83 12.45 -6.92
C THR A 19 29.85 11.19 -7.77
N ILE A 20 30.37 11.29 -8.98
CA ILE A 20 30.19 10.23 -9.96
C ILE A 20 31.54 9.76 -10.46
N TYR A 21 31.65 8.45 -10.69
CA TYR A 21 32.89 7.83 -11.11
C TYR A 21 32.60 6.71 -12.10
N HIS A 22 33.49 6.56 -13.08
CA HIS A 22 33.43 5.43 -13.99
C HIS A 22 34.86 5.16 -14.38
N PRO A 23 35.33 3.91 -14.30
CA PRO A 23 36.72 3.62 -14.66
C PRO A 23 37.08 4.00 -16.09
N GLY A 24 36.11 4.13 -16.97
CA GLY A 24 36.40 4.56 -18.33
C GLY A 24 36.00 5.99 -18.60
N GLN A 25 35.89 6.81 -17.55
CA GLN A 25 35.39 8.17 -17.70
C GLN A 25 36.32 9.05 -18.53
N GLN A 26 37.61 8.73 -18.60
CA GLN A 26 38.50 9.52 -19.44
C GLN A 26 38.13 9.42 -20.92
N SER A 27 37.37 8.41 -21.31
CA SER A 27 36.96 8.26 -22.70
C SER A 27 35.78 9.15 -23.06
N GLY A 28 35.28 9.95 -22.13
CA GLY A 28 34.17 10.85 -22.39
C GLY A 28 32.82 10.40 -21.89
N ILE A 29 32.77 9.47 -20.93
CA ILE A 29 31.48 8.94 -20.47
C ILE A 29 30.60 10.05 -19.93
N PHE A 30 31.18 11.01 -19.21
CA PHE A 30 30.40 12.08 -18.61
C PHE A 30 30.50 13.40 -19.38
N LYS A 31 30.77 13.33 -20.69
CA LYS A 31 31.10 14.57 -21.41
C LYS A 31 29.91 15.52 -21.52
N SER A 32 28.68 15.04 -21.38
CA SER A 32 27.51 15.89 -21.43
C SER A 32 27.06 16.37 -20.07
N ILE A 33 27.82 16.10 -19.01
CA ILE A 33 27.47 16.50 -17.64
C ILE A 33 28.25 17.75 -17.30
N ARG A 34 27.55 18.80 -16.84
CA ARG A 34 28.24 19.98 -16.34
C ARG A 34 28.49 19.81 -14.85
N PHE A 35 29.75 19.95 -14.45
CA PHE A 35 30.14 19.67 -13.08
C PHE A 35 30.17 20.93 -12.24
N SER A 36 29.87 20.76 -10.94
CA SER A 36 29.96 21.83 -9.94
C SER A 36 29.08 23.02 -10.28
N SER A 37 28.05 22.82 -11.10
CA SER A 37 27.06 23.84 -11.43
C SER A 37 25.70 23.31 -10.99
N LYS A 38 25.05 24.02 -10.07
CA LYS A 38 23.71 23.62 -9.64
C LYS A 38 22.71 23.82 -10.77
N GLU A 39 21.87 22.81 -11.01
CA GLU A 39 20.78 22.90 -11.98
C GLU A 39 19.45 22.73 -11.25
N LYS A 40 18.54 23.68 -11.46
CA LYS A 40 17.27 23.71 -10.74
C LYS A 40 16.17 23.03 -11.54
N PHE A 41 15.37 22.22 -10.85
CA PHE A 41 14.21 21.54 -11.41
C PHE A 41 12.98 21.85 -10.58
N PRO A 42 11.81 21.99 -11.22
CA PRO A 42 10.56 21.97 -10.44
C PRO A 42 10.42 20.64 -9.73
N SER A 43 9.86 20.66 -8.52
N SER A 43 9.87 20.67 -8.52
CA SER A 43 9.69 19.43 -7.77
CA SER A 43 9.70 19.42 -7.76
C SER A 43 8.69 18.49 -8.41
C SER A 43 8.62 18.52 -8.35
N ILE A 44 7.88 18.96 -9.36
CA ILE A 44 6.93 18.09 -10.07
C ILE A 44 7.61 17.46 -11.28
N GLU A 45 8.90 17.70 -11.46
CA GLU A 45 9.62 17.03 -12.53
C GLU A 45 10.19 15.71 -12.03
N VAL A 46 10.40 14.78 -12.96
CA VAL A 46 11.10 13.53 -12.69
C VAL A 46 12.42 13.58 -13.45
N VAL A 47 13.53 13.37 -12.74
CA VAL A 47 14.86 13.46 -13.33
C VAL A 47 15.31 12.07 -13.74
N LYS A 48 15.70 11.93 -15.01
CA LYS A 48 16.02 10.63 -15.58
C LYS A 48 17.48 10.59 -16.02
N PHE A 49 18.10 9.43 -15.82
CA PHE A 49 19.49 9.18 -16.16
C PHE A 49 19.53 8.00 -17.12
N GLY A 50 20.32 8.09 -18.18
CA GLY A 50 20.33 7.00 -19.15
C GLY A 50 21.12 7.35 -20.40
N ARG A 51 20.89 6.57 -21.45
N ARG A 51 20.88 6.58 -21.45
CA ARG A 51 21.63 6.79 -22.68
CA ARG A 51 21.61 6.72 -22.70
C ARG A 51 20.91 7.72 -23.65
C ARG A 51 20.91 7.64 -23.70
N ASN A 52 19.58 7.72 -23.62
CA ASN A 52 18.78 8.40 -24.63
C ASN A 52 18.53 9.85 -24.23
N SER A 53 19.11 10.79 -24.98
CA SER A 53 19.02 12.20 -24.63
C SER A 53 17.64 12.80 -24.90
N ASN A 54 16.80 12.12 -25.67
CA ASN A 54 15.42 12.58 -25.80
C ASN A 54 14.56 12.19 -24.61
N MET A 55 14.99 11.20 -23.83
CA MET A 55 14.22 10.74 -22.69
C MET A 55 14.81 11.13 -21.36
N CYS A 56 16.10 11.48 -21.31
CA CYS A 56 16.83 11.70 -20.07
C CYS A 56 17.45 13.09 -20.05
N GLN A 57 17.28 13.80 -18.93
CA GLN A 57 17.99 15.06 -18.75
C GLN A 57 19.50 14.83 -18.61
N TYR A 58 19.90 13.67 -18.12
CA TYR A 58 21.31 13.34 -17.91
C TYR A 58 21.63 12.07 -18.68
N THR A 59 22.60 12.16 -19.58
CA THR A 59 22.95 11.03 -20.42
C THR A 59 24.41 10.68 -20.29
N PHE A 60 24.70 9.39 -20.39
CA PHE A 60 26.06 8.86 -20.37
C PHE A 60 26.39 8.33 -21.75
N GLN A 61 27.61 8.62 -22.20
CA GLN A 61 28.10 8.17 -23.50
C GLN A 61 28.59 6.74 -23.35
N ASP A 62 27.67 5.79 -23.48
CA ASP A 62 27.96 4.41 -23.13
C ASP A 62 26.88 3.48 -23.68
N LYS A 63 27.25 2.61 -24.62
CA LYS A 63 26.29 1.66 -25.17
C LYS A 63 25.78 0.69 -24.13
N GLN A 64 26.51 0.50 -23.03
CA GLN A 64 26.06 -0.38 -21.95
C GLN A 64 24.88 0.21 -21.18
N VAL A 65 24.73 1.53 -21.19
CA VAL A 65 23.68 2.18 -20.42
C VAL A 65 22.34 2.00 -21.12
N SER A 66 21.32 1.61 -20.36
CA SER A 66 19.97 1.49 -20.92
C SER A 66 19.46 2.86 -21.34
N ARG A 67 18.49 2.88 -22.27
CA ARG A 67 18.07 4.18 -22.78
C ARG A 67 17.53 5.06 -21.65
N ILE A 68 16.87 4.46 -20.66
CA ILE A 68 16.64 5.09 -19.36
C ILE A 68 17.11 4.10 -18.30
N GLN A 69 18.08 4.51 -17.48
CA GLN A 69 18.64 3.64 -16.45
C GLN A 69 17.85 3.73 -15.16
N PHE A 70 17.67 4.94 -14.63
CA PHE A 70 16.93 5.12 -13.40
C PHE A 70 16.37 6.53 -13.39
N VAL A 71 15.46 6.77 -12.47
CA VAL A 71 14.76 8.04 -12.36
C VAL A 71 14.72 8.43 -10.89
N LEU A 72 14.74 9.74 -10.64
CA LEU A 72 14.54 10.31 -9.31
C LEU A 72 13.14 10.89 -9.23
N GLN A 73 12.40 10.50 -8.20
CA GLN A 73 10.98 10.87 -8.03
C GLN A 73 10.81 11.66 -6.73
N PRO A 74 10.72 12.99 -6.81
CA PRO A 74 10.57 13.79 -5.59
C PRO A 74 9.19 13.61 -4.98
N PHE A 75 9.14 13.53 -3.65
CA PHE A 75 7.85 13.37 -2.96
C PHE A 75 7.99 13.89 -1.53
N LYS A 76 6.86 13.97 -0.83
CA LYS A 76 6.86 14.40 0.56
C LYS A 76 6.20 13.36 1.44
N GLN A 77 6.90 12.94 2.50
CA GLN A 77 6.27 12.15 3.54
C GLN A 77 5.17 12.95 4.23
N PHE A 78 4.20 12.24 4.80
CA PHE A 78 3.17 12.91 5.59
C PHE A 78 3.81 13.55 6.81
N ASN A 79 3.26 14.69 7.23
CA ASN A 79 3.73 15.39 8.42
C ASN A 79 5.21 15.79 8.28
N SER A 80 5.64 16.07 7.06
CA SER A 80 7.03 16.48 6.82
C SER A 80 7.04 17.67 5.89
N SER A 81 7.94 18.62 6.13
CA SER A 81 8.05 19.80 5.31
C SER A 81 9.26 19.76 4.38
N VAL A 82 9.99 18.66 4.36
CA VAL A 82 11.19 18.55 3.54
C VAL A 82 10.90 17.65 2.35
N LEU A 83 11.68 17.86 1.28
N LEU A 83 11.77 17.75 1.34
CA LEU A 83 11.56 17.03 0.09
CA LEU A 83 11.60 17.04 0.09
C LEU A 83 12.31 15.72 0.32
C LEU A 83 12.38 15.73 0.12
N SER A 84 11.67 14.61 -0.05
CA SER A 84 12.33 13.32 -0.18
C SER A 84 12.41 12.93 -1.65
N PHE A 85 13.18 11.88 -1.94
CA PHE A 85 13.33 11.40 -3.31
C PHE A 85 13.32 9.89 -3.31
N GLU A 86 12.45 9.31 -4.13
CA GLU A 86 12.60 7.91 -4.48
C GLU A 86 13.57 7.78 -5.63
N ILE A 87 14.30 6.67 -5.66
CA ILE A 87 15.02 6.25 -6.86
C ILE A 87 14.37 4.96 -7.34
N LYS A 88 14.19 4.85 -8.65
CA LYS A 88 13.56 3.69 -9.24
C LYS A 88 14.40 3.20 -10.41
N ASN A 89 14.67 1.90 -10.45
CA ASN A 89 15.40 1.32 -11.55
C ASN A 89 14.47 1.15 -12.75
N MET A 90 14.86 1.68 -13.91
CA MET A 90 14.07 1.53 -15.13
C MET A 90 14.65 0.49 -16.08
N SER A 91 15.78 -0.12 -15.73
CA SER A 91 16.46 -1.03 -16.64
C SER A 91 15.93 -2.45 -16.47
N LYS A 92 15.60 -3.10 -17.59
CA LYS A 92 15.23 -4.50 -17.54
C LYS A 92 16.43 -5.41 -17.35
N LYS A 93 17.63 -4.95 -17.69
CA LYS A 93 18.79 -5.84 -17.74
C LYS A 93 19.79 -5.62 -16.62
N THR A 94 19.85 -4.42 -16.05
CA THR A 94 20.93 -4.06 -15.13
C THR A 94 20.35 -3.70 -13.77
N SER A 95 20.71 -4.47 -12.76
N SER A 95 20.72 -4.46 -12.75
CA SER A 95 20.29 -4.12 -11.40
CA SER A 95 20.29 -4.14 -11.40
C SER A 95 20.91 -2.80 -10.99
C SER A 95 20.93 -2.83 -10.94
N LEU A 96 20.22 -2.12 -10.07
CA LEU A 96 20.71 -0.88 -9.48
C LEU A 96 20.91 -1.12 -7.99
N MET A 97 22.15 -0.96 -7.52
CA MET A 97 22.45 -1.13 -6.12
C MET A 97 22.36 0.21 -5.39
N VAL A 98 21.62 0.24 -4.29
CA VAL A 98 21.58 1.38 -3.37
C VAL A 98 22.13 0.86 -2.06
N ASP A 99 23.35 1.28 -1.74
CA ASP A 99 24.13 0.60 -0.71
C ASP A 99 24.09 -0.90 -0.97
N ASN A 100 23.59 -1.68 -0.01
CA ASN A 100 23.51 -3.13 -0.18
C ASN A 100 22.14 -3.59 -0.68
N GLN A 101 21.23 -2.67 -0.96
CA GLN A 101 19.90 -3.02 -1.46
C GLN A 101 19.92 -3.05 -2.98
N GLU A 102 19.39 -4.13 -3.55
CA GLU A 102 19.39 -4.33 -4.99
C GLU A 102 18.01 -4.02 -5.51
N LEU A 103 17.91 -3.10 -6.47
CA LEU A 103 16.65 -2.75 -7.09
C LEU A 103 16.59 -3.39 -8.47
N GLY A 104 15.61 -4.27 -8.67
CA GLY A 104 15.37 -4.83 -9.97
C GLY A 104 14.51 -3.87 -10.79
N TYR A 105 14.07 -4.37 -11.93
CA TYR A 105 13.28 -3.57 -12.85
C TYR A 105 12.02 -3.04 -12.17
N LEU A 106 11.85 -1.72 -12.22
CA LEU A 106 10.73 -0.97 -11.64
C LEU A 106 10.66 -1.06 -10.11
N ASN A 107 11.70 -1.56 -9.44
CA ASN A 107 11.78 -1.47 -7.99
C ASN A 107 12.21 -0.06 -7.58
N LYS A 108 11.58 0.48 -6.55
CA LYS A 108 11.95 1.81 -6.06
C LYS A 108 12.14 1.78 -4.54
N MET A 109 12.80 2.80 -4.04
CA MET A 109 12.96 2.98 -2.60
C MET A 109 13.27 4.44 -2.32
N ASP A 110 13.02 4.85 -1.07
CA ASP A 110 13.40 6.18 -0.61
C ASP A 110 14.91 6.28 -0.57
N LEU A 111 15.46 7.42 -1.04
CA LEU A 111 16.91 7.63 -1.01
C LEU A 111 17.36 8.05 0.38
N PRO A 112 18.33 7.36 0.97
CA PRO A 112 18.92 7.85 2.22
C PRO A 112 19.62 9.18 1.97
N TYR A 113 19.87 9.90 3.07
CA TYR A 113 20.55 11.19 2.96
C TYR A 113 21.94 11.05 2.37
N LYS A 114 22.62 9.93 2.63
CA LYS A 114 23.90 9.63 1.98
C LYS A 114 23.86 8.16 1.56
N CYS A 115 24.19 7.90 0.29
CA CYS A 115 24.20 6.52 -0.17
C CYS A 115 25.08 6.38 -1.40
N MET A 116 25.48 5.14 -1.66
CA MET A 116 26.27 4.78 -2.83
C MET A 116 25.37 4.06 -3.83
N LEU A 117 25.31 4.59 -5.06
CA LEU A 117 24.60 3.93 -6.14
C LEU A 117 25.61 3.21 -7.03
N ARG A 118 25.27 2.00 -7.44
CA ARG A 118 26.08 1.23 -8.38
C ARG A 118 25.17 0.66 -9.45
N PHE A 119 25.59 0.82 -10.70
CA PHE A 119 24.97 0.12 -11.81
C PHE A 119 26.05 -0.10 -12.86
N GLY A 120 26.20 -1.35 -13.30
CA GLY A 120 27.36 -1.70 -14.11
C GLY A 120 28.64 -1.26 -13.42
N GLU A 121 29.47 -0.53 -14.16
CA GLU A 121 30.72 0.01 -13.65
C GLU A 121 30.57 1.40 -13.02
N TYR A 122 29.37 1.96 -13.00
CA TYR A 122 29.17 3.31 -12.49
C TYR A 122 29.09 3.29 -10.97
N GLN A 123 29.76 4.26 -10.34
CA GLN A 123 29.66 4.50 -8.90
C GLN A 123 29.22 5.94 -8.67
N PHE A 124 28.10 6.13 -7.98
CA PHE A 124 27.57 7.44 -7.65
C PHE A 124 27.44 7.53 -6.14
N LEU A 125 28.10 8.51 -5.55
CA LEU A 125 27.84 8.89 -4.16
C LEU A 125 26.80 10.02 -4.17
N LEU A 126 25.64 9.75 -3.60
CA LEU A 126 24.56 10.73 -3.53
C LEU A 126 24.43 11.26 -2.11
N GLN A 127 24.43 12.58 -1.96
CA GLN A 127 24.30 13.22 -0.66
C GLN A 127 23.24 14.31 -0.75
N LYS A 128 22.18 14.18 0.06
CA LYS A 128 21.06 15.12 0.05
C LYS A 128 21.29 16.20 1.11
N GLU A 129 21.23 17.45 0.70
CA GLU A 129 21.32 18.59 1.60
C GLU A 129 19.96 19.30 1.58
N ASP A 130 19.20 19.18 2.68
CA ASP A 130 17.85 19.74 2.68
C ASP A 130 17.87 21.25 2.55
N GLY A 131 16.90 21.77 1.79
CA GLY A 131 16.60 23.19 1.80
C GLY A 131 15.11 23.39 2.00
N GLU A 132 14.72 24.66 2.12
CA GLU A 132 13.36 25.00 2.51
C GLU A 132 12.39 25.14 1.36
N SER A 133 12.87 25.32 0.13
CA SER A 133 11.97 25.40 -1.01
C SER A 133 11.21 24.09 -1.17
N VAL A 134 9.90 24.18 -1.40
CA VAL A 134 9.14 22.99 -1.71
C VAL A 134 8.85 22.89 -3.20
N GLU A 135 9.01 23.98 -3.95
CA GLU A 135 8.66 23.95 -5.37
C GLU A 135 9.83 23.59 -6.28
N SER A 136 11.06 23.59 -5.75
CA SER A 136 12.25 23.37 -6.57
C SER A 136 13.25 22.51 -5.82
N PHE A 137 14.16 21.90 -6.58
CA PHE A 137 15.35 21.26 -6.03
C PHE A 137 16.47 21.40 -7.04
N GLU A 138 17.71 21.21 -6.58
CA GLU A 138 18.87 21.34 -7.45
C GLU A 138 19.70 20.07 -7.43
N THR A 139 20.31 19.77 -8.58
CA THR A 139 21.34 18.74 -8.67
C THR A 139 22.70 19.41 -8.75
N GLN A 140 23.73 18.69 -8.30
CA GLN A 140 25.10 19.15 -8.44
C GLN A 140 25.98 17.93 -8.64
N PHE A 141 26.85 17.96 -9.64
CA PHE A 141 27.72 16.84 -9.93
C PHE A 141 29.15 17.18 -9.58
N ILE A 142 29.84 16.20 -9.00
CA ILE A 142 31.21 16.36 -8.54
C ILE A 142 32.05 15.29 -9.21
N MET A 143 33.22 15.69 -9.71
CA MET A 143 34.16 14.75 -10.32
C MET A 143 34.90 13.97 -9.24
N SER A 144 35.27 12.74 -9.57
CA SER A 144 36.23 11.97 -8.77
C SER A 144 37.20 11.28 -9.72
N SER A 145 38.47 11.65 -9.61
CA SER A 145 39.50 11.04 -10.45
C SER A 145 39.75 9.59 -10.08
N ARG A 146 39.58 9.24 -8.81
CA ARG A 146 39.83 7.90 -8.29
C ARG A 146 38.52 7.23 -7.89
N PRO A 147 38.49 5.90 -7.85
CA PRO A 147 37.22 5.20 -7.58
C PRO A 147 36.67 5.54 -6.20
N LEU A 148 35.34 5.59 -6.11
CA LEU A 148 34.69 5.87 -4.83
C LEU A 148 34.65 4.63 -3.97
N LEU A 149 34.64 3.45 -4.59
CA LEU A 149 34.50 2.19 -3.89
C LEU A 149 35.66 1.26 -4.22
N ARG B 8 -5.33 -12.33 -18.59
CA ARG B 8 -5.35 -10.89 -18.81
C ARG B 8 -3.95 -10.38 -19.18
N PRO B 9 -3.76 -10.00 -20.44
CA PRO B 9 -2.41 -9.61 -20.88
C PRO B 9 -1.92 -8.33 -20.25
N LEU B 10 -2.79 -7.37 -19.95
CA LEU B 10 -2.40 -6.11 -19.34
C LEU B 10 -3.24 -5.84 -18.11
N THR B 11 -2.61 -5.22 -17.10
CA THR B 11 -3.38 -4.57 -16.05
C THR B 11 -4.28 -3.52 -16.67
N VAL B 12 -5.55 -3.53 -16.25
CA VAL B 12 -6.55 -2.57 -16.73
C VAL B 12 -6.96 -1.68 -15.57
N LEU B 13 -6.96 -0.37 -15.79
CA LEU B 13 -7.56 0.59 -14.88
C LEU B 13 -8.88 1.04 -15.50
N GLN B 14 -10.00 0.65 -14.89
N GLN B 14 -9.99 0.68 -14.86
CA GLN B 14 -11.31 1.14 -15.30
CA GLN B 14 -11.32 1.13 -15.28
C GLN B 14 -11.57 2.43 -14.55
C GLN B 14 -11.62 2.43 -14.55
N VAL B 15 -11.60 3.55 -15.27
CA VAL B 15 -11.70 4.88 -14.68
C VAL B 15 -13.05 5.49 -15.02
N SER B 16 -13.79 5.88 -14.00
CA SER B 16 -15.04 6.63 -14.16
C SER B 16 -14.85 8.06 -13.68
N LEU B 17 -15.40 9.01 -14.43
CA LEU B 17 -15.26 10.44 -14.12
C LEU B 17 -16.64 11.07 -14.02
N TYR B 18 -16.77 12.01 -13.09
CA TYR B 18 -18.01 12.76 -12.87
C TYR B 18 -17.68 14.20 -12.50
N HIS B 19 -18.47 15.12 -13.04
CA HIS B 19 -18.47 16.49 -12.57
C HIS B 19 -19.91 16.98 -12.57
N PRO B 20 -20.35 17.65 -11.51
CA PRO B 20 -21.79 17.92 -11.35
C PRO B 20 -22.36 18.92 -12.35
N THR B 21 -21.55 19.82 -12.90
CA THR B 21 -22.08 20.91 -13.73
C THR B 21 -21.32 21.17 -15.02
N GLN B 22 -20.06 20.71 -15.16
CA GLN B 22 -19.22 21.13 -16.27
C GLN B 22 -18.76 19.97 -17.15
N GLY B 23 -19.42 18.82 -17.06
CA GLY B 23 -19.03 17.63 -17.79
C GLY B 23 -18.58 17.86 -19.23
N PRO B 24 -19.44 18.45 -20.06
CA PRO B 24 -19.12 18.52 -21.49
C PRO B 24 -17.82 19.28 -21.81
N VAL B 25 -17.52 20.35 -21.09
CA VAL B 25 -16.26 21.06 -21.31
C VAL B 25 -15.12 20.35 -20.58
N ALA B 26 -15.34 19.98 -19.32
CA ALA B 26 -14.27 19.39 -18.51
C ALA B 26 -13.76 18.11 -19.12
N PHE B 27 -14.65 17.31 -19.72
CA PHE B 27 -14.27 16.00 -20.22
C PHE B 27 -14.17 15.96 -21.73
N ALA B 28 -14.13 17.12 -22.40
CA ALA B 28 -14.15 17.15 -23.86
C ALA B 28 -12.93 16.48 -24.48
N HIS B 29 -11.83 16.37 -23.74
CA HIS B 29 -10.58 15.82 -24.28
C HIS B 29 -10.24 14.46 -23.70
N VAL B 30 -11.17 13.87 -22.94
CA VAL B 30 -10.98 12.54 -22.36
C VAL B 30 -11.16 11.50 -23.46
N PRO B 31 -10.17 10.67 -23.72
CA PRO B 31 -10.30 9.63 -24.75
C PRO B 31 -11.05 8.42 -24.19
N GLN B 32 -11.46 7.53 -25.11
CA GLN B 32 -12.11 6.30 -24.67
C GLN B 32 -11.16 5.44 -23.86
N GLN B 33 -9.91 5.37 -24.28
CA GLN B 33 -8.90 4.63 -23.53
C GLN B 33 -7.52 5.17 -23.85
N LEU B 34 -6.57 4.82 -22.97
CA LEU B 34 -5.16 5.14 -23.15
C LEU B 34 -4.34 3.92 -22.80
N GLN B 35 -3.48 3.48 -23.70
CA GLN B 35 -2.49 2.48 -23.36
C GLN B 35 -1.17 3.17 -23.05
N HIS B 36 -0.66 2.94 -21.85
CA HIS B 36 0.48 3.67 -21.29
C HIS B 36 1.65 2.72 -21.07
N ASP B 37 2.85 3.30 -20.90
CA ASP B 37 4.05 2.48 -20.68
C ASP B 37 4.43 2.51 -19.20
N ALA B 38 5.72 2.34 -18.90
CA ALA B 38 6.13 2.30 -17.49
C ALA B 38 6.47 3.67 -16.91
N SER B 39 6.23 4.75 -17.66
CA SER B 39 6.42 6.10 -17.15
C SER B 39 5.16 6.56 -16.40
N ARG B 40 5.28 7.66 -15.68
CA ARG B 40 4.14 8.21 -14.96
C ARG B 40 3.09 8.71 -15.95
N LEU B 41 1.84 8.61 -15.53
CA LEU B 41 0.71 9.10 -16.32
C LEU B 41 0.24 10.39 -15.65
N LEU B 42 0.29 11.50 -16.38
CA LEU B 42 -0.03 12.81 -15.85
C LEU B 42 -1.49 13.17 -16.13
N VAL B 43 -2.13 13.76 -15.11
CA VAL B 43 -3.51 14.22 -15.16
C VAL B 43 -3.54 15.71 -14.78
N GLY B 44 -4.18 16.53 -15.62
CA GLY B 44 -4.32 17.94 -15.29
C GLY B 44 -4.96 18.70 -16.44
N ARG B 45 -4.97 20.02 -16.32
CA ARG B 45 -5.56 20.82 -17.40
C ARG B 45 -4.54 21.22 -18.47
N GLY B 46 -3.28 20.86 -18.30
CA GLY B 46 -2.27 21.26 -19.26
C GLY B 46 -2.33 20.44 -20.53
N GLN B 47 -1.76 21.00 -21.60
CA GLN B 47 -1.75 20.30 -22.87
C GLN B 47 -0.77 19.13 -22.88
N ASN B 48 0.21 19.13 -21.98
CA ASN B 48 1.22 18.09 -21.91
C ASN B 48 0.87 16.97 -20.93
N THR B 49 -0.39 16.86 -20.54
CA THR B 49 -0.84 15.76 -19.70
C THR B 49 -1.36 14.63 -20.57
N HIS B 50 -1.39 13.42 -20.00
CA HIS B 50 -1.91 12.28 -20.74
C HIS B 50 -3.43 12.20 -20.65
N LEU B 51 -3.97 12.52 -19.47
CA LEU B 51 -5.41 12.69 -19.25
C LEU B 51 -5.63 14.18 -18.99
N GLN B 52 -6.10 14.89 -20.01
CA GLN B 52 -6.34 16.32 -19.90
C GLN B 52 -7.78 16.56 -19.49
N LEU B 53 -7.96 17.25 -18.37
CA LEU B 53 -9.27 17.61 -17.85
C LEU B 53 -9.36 19.13 -17.83
N GLN B 54 -10.33 19.68 -18.57
CA GLN B 54 -10.40 21.12 -18.87
C GLN B 54 -11.26 21.81 -17.81
N LEU B 55 -10.67 22.00 -16.63
CA LEU B 55 -11.30 22.71 -15.52
C LEU B 55 -10.31 23.77 -15.05
N PRO B 56 -10.73 25.03 -14.95
CA PRO B 56 -9.76 26.08 -14.58
C PRO B 56 -9.23 25.94 -13.16
N GLN B 57 -9.96 25.25 -12.28
CA GLN B 57 -9.52 25.02 -10.91
C GLN B 57 -8.40 23.99 -10.82
N LEU B 58 -8.17 23.20 -11.86
CA LEU B 58 -7.08 22.26 -11.84
C LEU B 58 -5.76 22.96 -12.14
N SER B 59 -4.66 22.40 -11.62
CA SER B 59 -3.34 22.80 -12.06
C SER B 59 -3.04 22.18 -13.42
N ARG B 60 -2.09 22.78 -14.15
CA ARG B 60 -1.65 22.19 -15.40
C ARG B 60 -1.23 20.74 -15.20
N TYR B 61 -0.49 20.48 -14.12
CA TYR B 61 -0.18 19.11 -13.69
C TYR B 61 -0.78 18.96 -12.31
N HIS B 62 -1.82 18.11 -12.21
CA HIS B 62 -2.60 18.06 -10.98
C HIS B 62 -2.31 16.82 -10.15
N LEU B 63 -2.18 15.65 -10.78
CA LEU B 63 -1.79 14.43 -10.09
C LEU B 63 -1.17 13.48 -11.10
N SER B 64 -0.44 12.49 -10.60
CA SER B 64 0.16 11.48 -11.47
C SER B 64 -0.14 10.08 -10.95
N LEU B 65 -0.16 9.13 -11.87
CA LEU B 65 -0.25 7.69 -11.58
C LEU B 65 1.04 7.06 -12.05
N GLU B 66 1.79 6.46 -11.11
CA GLU B 66 3.11 5.91 -11.40
C GLU B 66 3.08 4.40 -11.29
N PRO B 67 3.36 3.65 -12.37
CA PRO B 67 3.45 2.19 -12.23
C PRO B 67 4.81 1.78 -11.70
N TYR B 68 4.83 0.77 -10.85
CA TYR B 68 6.09 0.27 -10.29
C TYR B 68 5.86 -1.16 -9.82
N LEU B 69 6.94 -1.79 -9.36
CA LEU B 69 6.88 -3.15 -8.85
C LEU B 69 7.41 -3.18 -7.42
N GLU B 70 6.62 -3.75 -6.51
CA GLU B 70 7.15 -4.16 -5.22
C GLU B 70 8.05 -5.37 -5.38
N LYS B 71 9.09 -5.43 -4.54
CA LYS B 71 9.88 -6.64 -4.44
C LYS B 71 8.98 -7.84 -4.19
N GLY B 72 9.23 -8.93 -4.92
CA GLY B 72 8.44 -10.13 -4.81
C GLY B 72 7.11 -10.12 -5.54
N SER B 73 6.83 -9.09 -6.34
CA SER B 73 5.56 -8.95 -7.03
C SER B 73 5.70 -9.23 -8.52
N SER B 74 4.70 -9.91 -9.08
CA SER B 74 4.60 -10.12 -10.51
C SER B 74 3.49 -9.27 -11.13
N LEU B 75 2.97 -8.28 -10.42
CA LEU B 75 1.88 -7.44 -10.89
C LEU B 75 2.19 -5.98 -10.57
N LEU B 76 1.96 -5.10 -11.55
CA LEU B 76 2.22 -3.68 -11.34
C LEU B 76 1.40 -3.12 -10.19
N ALA B 77 2.04 -2.28 -9.39
CA ALA B 77 1.39 -1.41 -8.43
C ALA B 77 1.33 0.00 -9.02
N PHE B 78 0.49 0.84 -8.41
CA PHE B 78 0.28 2.19 -8.90
C PHE B 78 0.29 3.16 -7.74
N CYS B 79 1.11 4.21 -7.87
CA CYS B 79 1.29 5.23 -6.86
C CYS B 79 0.65 6.52 -7.37
N LEU B 80 -0.35 7.02 -6.66
CA LEU B 80 -0.95 8.31 -6.99
C LEU B 80 -0.26 9.39 -6.17
N LYS B 81 0.34 10.37 -6.86
CA LYS B 81 0.99 11.50 -6.21
C LYS B 81 0.33 12.81 -6.62
N VAL B 82 0.17 13.71 -5.65
CA VAL B 82 -0.44 15.01 -5.90
C VAL B 82 0.60 15.98 -6.44
N LEU B 83 0.29 16.64 -7.56
CA LEU B 83 1.22 17.58 -8.17
C LEU B 83 0.75 19.03 -8.06
N THR B 84 -0.51 19.26 -7.70
CA THR B 84 -1.01 20.61 -7.57
C THR B 84 -0.59 21.23 -6.24
N ARG B 85 -0.32 22.52 -6.27
CA ARG B 85 -0.15 23.30 -5.04
C ARG B 85 -1.46 23.92 -4.56
N LYS B 86 -2.52 23.85 -5.37
CA LYS B 86 -3.70 24.67 -5.15
C LYS B 86 -4.72 24.04 -4.21
N SER B 87 -4.79 22.73 -4.13
CA SER B 87 -5.88 22.10 -3.39
C SER B 87 -5.48 20.68 -3.02
N CYS B 88 -6.36 20.02 -2.27
CA CYS B 88 -6.13 18.65 -1.84
C CYS B 88 -6.83 17.68 -2.78
N VAL B 89 -6.28 16.47 -2.84
CA VAL B 89 -6.86 15.37 -3.60
C VAL B 89 -7.21 14.29 -2.60
N TRP B 90 -8.51 13.99 -2.47
CA TRP B 90 -8.92 12.90 -1.59
C TRP B 90 -8.70 11.57 -2.29
N VAL B 91 -8.02 10.65 -1.61
CA VAL B 91 -7.81 9.30 -2.14
C VAL B 91 -8.22 8.34 -1.03
N ASN B 92 -9.35 7.65 -1.23
CA ASN B 92 -9.83 6.64 -0.28
C ASN B 92 -9.85 7.19 1.15
N GLY B 93 -10.35 8.42 1.29
CA GLY B 93 -10.55 9.01 2.61
C GLY B 93 -9.38 9.82 3.14
N LEU B 94 -8.22 9.81 2.48
CA LEU B 94 -7.08 10.62 2.91
C LEU B 94 -6.99 11.88 2.05
N PRO B 95 -6.99 13.07 2.66
CA PRO B 95 -6.81 14.31 1.88
C PRO B 95 -5.33 14.57 1.59
N LEU B 96 -4.88 14.23 0.40
CA LEU B 96 -3.48 14.40 0.05
C LEU B 96 -3.21 15.81 -0.46
N ARG B 97 -2.06 16.35 -0.10
N ARG B 97 -2.06 16.35 -0.05
CA ARG B 97 -1.65 17.64 -0.63
CA ARG B 97 -1.54 17.65 -0.43
C ARG B 97 -0.31 17.48 -1.34
C ARG B 97 -0.34 17.49 -1.37
N TYR B 98 0.24 18.62 -1.77
CA TYR B 98 1.37 18.67 -2.69
C TYR B 98 2.45 17.66 -2.38
N LEU B 99 2.72 16.80 -3.38
CA LEU B 99 3.77 15.79 -3.43
C LEU B 99 3.55 14.64 -2.47
N GLU B 100 2.43 14.61 -1.76
CA GLU B 100 2.06 13.43 -0.98
C GLU B 100 1.52 12.35 -1.92
N GLN B 101 1.61 11.09 -1.48
CA GLN B 101 1.28 9.98 -2.36
C GLN B 101 0.80 8.77 -1.57
N VAL B 102 0.00 7.93 -2.25
CA VAL B 102 -0.47 6.67 -1.70
C VAL B 102 -0.54 5.66 -2.82
N PRO B 103 -0.42 4.37 -2.49
CA PRO B 103 -0.68 3.33 -3.50
C PRO B 103 -2.17 3.16 -3.73
N LEU B 104 -2.52 2.70 -4.92
CA LEU B 104 -3.90 2.39 -5.27
C LEU B 104 -4.22 0.94 -4.88
N GLY B 105 -5.44 0.72 -4.42
CA GLY B 105 -5.97 -0.60 -4.20
C GLY B 105 -6.83 -1.07 -5.35
N THR B 106 -7.69 -2.04 -5.06
CA THR B 106 -8.55 -2.61 -6.10
C THR B 106 -9.64 -1.63 -6.53
N ILE B 107 -10.32 -1.00 -5.58
CA ILE B 107 -11.31 0.04 -5.86
C ILE B 107 -10.84 1.31 -5.19
N ASN B 108 -10.85 2.41 -5.93
CA ASN B 108 -10.31 3.67 -5.41
C ASN B 108 -11.30 4.79 -5.65
N ARG B 109 -11.58 5.55 -4.58
CA ARG B 109 -12.48 6.68 -4.63
C ARG B 109 -11.64 7.93 -4.47
N ILE B 110 -11.61 8.75 -5.52
CA ILE B 110 -10.71 9.89 -5.64
C ILE B 110 -11.56 11.11 -5.96
N SER B 111 -11.40 12.18 -5.20
CA SER B 111 -12.12 13.42 -5.49
C SER B 111 -11.16 14.60 -5.45
N PHE B 112 -11.31 15.51 -6.40
CA PHE B 112 -10.44 16.68 -6.46
C PHE B 112 -11.13 17.80 -7.23
N SER B 113 -11.29 18.95 -6.57
CA SER B 113 -11.80 20.18 -7.20
C SER B 113 -13.13 19.96 -7.92
N GLY B 114 -14.00 19.15 -7.33
CA GLY B 114 -15.33 18.90 -7.88
C GLY B 114 -15.42 17.66 -8.74
N ILE B 115 -14.29 17.19 -9.26
CA ILE B 115 -14.27 15.97 -10.04
C ILE B 115 -14.33 14.76 -9.11
N GLN B 116 -15.20 13.82 -9.42
CA GLN B 116 -15.20 12.53 -8.76
C GLN B 116 -14.62 11.51 -9.72
N MET B 117 -13.73 10.66 -9.22
CA MET B 117 -13.07 9.69 -10.05
C MET B 117 -13.02 8.36 -9.33
N LEU B 118 -13.49 7.31 -10.00
CA LEU B 118 -13.37 5.94 -9.49
C LEU B 118 -12.32 5.25 -10.34
N VAL B 119 -11.41 4.53 -9.70
CA VAL B 119 -10.44 3.73 -10.42
C VAL B 119 -10.53 2.31 -9.88
N ARG B 120 -10.94 1.38 -10.75
CA ARG B 120 -10.97 -0.04 -10.44
C ARG B 120 -9.82 -0.70 -11.19
N LYS B 121 -8.97 -1.40 -10.44
CA LYS B 121 -7.78 -2.04 -10.98
C LYS B 121 -8.03 -3.52 -11.16
N GLU B 122 -7.81 -4.01 -12.37
N GLU B 122 -7.82 -4.02 -12.36
CA GLU B 122 -7.83 -5.43 -12.68
CA GLU B 122 -7.84 -5.45 -12.63
C GLU B 122 -6.43 -5.83 -13.11
C GLU B 122 -6.45 -5.86 -13.11
N GLY B 123 -5.82 -6.77 -12.38
CA GLY B 123 -4.43 -7.10 -12.65
C GLY B 123 -4.27 -7.91 -13.93
N GLY B 124 -3.18 -7.64 -14.66
CA GLY B 124 -2.81 -8.38 -15.84
C GLY B 124 -1.32 -8.62 -15.87
N ALA B 125 -0.88 -9.33 -16.91
CA ALA B 125 0.46 -9.94 -16.86
C ALA B 125 1.58 -8.96 -17.18
N SER B 126 1.35 -7.97 -18.03
CA SER B 126 2.43 -7.12 -18.51
C SER B 126 3.07 -6.31 -17.38
N LEU B 127 4.40 -6.29 -17.39
CA LEU B 127 5.17 -5.42 -16.49
C LEU B 127 5.70 -4.18 -17.20
N GLU B 128 5.31 -3.95 -18.46
CA GLU B 128 5.80 -2.83 -19.25
C GLU B 128 4.70 -1.90 -19.76
N THR B 129 3.45 -2.35 -19.79
N THR B 129 3.43 -2.33 -19.70
CA THR B 129 2.37 -1.50 -20.26
CA THR B 129 2.33 -1.64 -20.35
C THR B 129 1.12 -1.77 -19.43
C THR B 129 1.07 -1.84 -19.52
N PHE B 130 0.23 -0.80 -19.44
CA PHE B 130 -1.09 -0.95 -18.83
C PHE B 130 -2.07 -0.12 -19.66
N VAL B 131 -3.37 -0.36 -19.45
CA VAL B 131 -4.38 0.36 -20.22
C VAL B 131 -5.42 0.90 -19.27
N CYS B 132 -5.87 2.13 -19.55
CA CYS B 132 -6.95 2.78 -18.84
C CYS B 132 -8.14 2.91 -19.79
N TYR B 133 -9.34 2.63 -19.28
CA TYR B 133 -10.57 2.89 -20.01
C TYR B 133 -11.34 3.96 -19.25
N PHE B 134 -11.88 4.95 -19.96
CA PHE B 134 -12.48 6.11 -19.32
C PHE B 134 -13.98 6.12 -19.59
N HIS B 135 -14.76 6.21 -18.52
CA HIS B 135 -16.21 6.28 -18.58
C HIS B 135 -16.65 7.62 -18.02
N LEU B 136 -17.51 8.33 -18.76
CA LEU B 136 -18.06 9.60 -18.29
C LEU B 136 -19.42 9.30 -17.67
N SER B 137 -19.51 9.42 -16.35
CA SER B 137 -20.75 9.13 -15.63
C SER B 137 -21.63 10.36 -15.54
N PRO B 138 -22.89 10.30 -15.99
CA PRO B 138 -23.81 11.43 -15.77
C PRO B 138 -24.15 11.64 -14.32
N SER B 139 -23.96 10.65 -13.46
CA SER B 139 -24.43 10.66 -12.09
C SER B 139 -23.25 10.54 -11.12
N PRO B 140 -23.43 10.98 -9.87
CA PRO B 140 -22.32 10.98 -8.92
C PRO B 140 -21.76 9.59 -8.68
N LEU B 141 -20.45 9.54 -8.43
CA LEU B 141 -19.74 8.29 -8.20
C LEU B 141 -19.40 8.04 -6.75
N ILE B 142 -19.36 9.08 -5.93
CA ILE B 142 -18.91 8.97 -4.55
C ILE B 142 -19.91 9.67 -3.62
N GLU C 11 -30.79 2.30 17.50
CA GLU C 11 -30.10 1.51 18.53
C GLU C 11 -29.49 0.23 17.95
N THR C 12 -29.87 -0.13 16.73
CA THR C 12 -29.29 -1.28 16.07
C THR C 12 -27.86 -0.99 15.66
N VAL C 13 -26.95 -1.96 15.88
CA VAL C 13 -25.56 -1.86 15.41
C VAL C 13 -25.45 -2.35 13.97
N THR C 14 -24.28 -2.16 13.37
CA THR C 14 -24.04 -2.60 12.00
C THR C 14 -24.15 -4.12 11.90
N CYS C 15 -24.82 -4.59 10.85
CA CYS C 15 -25.06 -6.02 10.66
C CYS C 15 -24.46 -6.47 9.34
N LEU C 16 -23.76 -7.60 9.36
N LEU C 16 -23.73 -7.58 9.38
CA LEU C 16 -23.32 -8.27 8.14
CA LEU C 16 -23.31 -8.30 8.18
C LEU C 16 -24.19 -9.50 7.96
C LEU C 16 -24.26 -9.48 8.02
N GLN C 17 -25.15 -9.40 7.04
CA GLN C 17 -26.11 -10.47 6.80
C GLN C 17 -25.61 -11.36 5.68
N MET C 18 -25.55 -12.65 5.95
CA MET C 18 -25.04 -13.63 5.00
C MET C 18 -26.18 -14.57 4.62
N THR C 19 -26.57 -14.52 3.36
CA THR C 19 -27.53 -15.46 2.79
C THR C 19 -26.73 -16.56 2.12
N ILE C 20 -26.95 -17.80 2.53
CA ILE C 20 -26.02 -18.86 2.17
C ILE C 20 -26.74 -20.02 1.49
N TYR C 21 -26.01 -20.67 0.58
CA TYR C 21 -26.52 -21.81 -0.15
C TYR C 21 -25.40 -22.80 -0.42
N HIS C 22 -25.73 -24.09 -0.31
CA HIS C 22 -24.84 -25.16 -0.73
C HIS C 22 -25.74 -26.26 -1.27
N PRO C 23 -25.41 -26.85 -2.41
CA PRO C 23 -26.29 -27.89 -2.99
C PRO C 23 -26.45 -29.12 -2.11
N GLY C 24 -25.57 -29.33 -1.14
CA GLY C 24 -25.69 -30.46 -0.24
C GLY C 24 -26.00 -30.06 1.19
N GLN C 25 -26.55 -28.85 1.37
CA GLN C 25 -26.81 -28.35 2.71
C GLN C 25 -27.80 -29.21 3.48
N GLN C 26 -28.63 -30.03 2.79
CA GLN C 26 -29.56 -30.89 3.52
C GLN C 26 -28.86 -31.99 4.27
N SER C 27 -27.60 -32.29 3.95
CA SER C 27 -26.82 -33.27 4.68
C SER C 27 -26.37 -32.75 6.03
N GLY C 28 -26.59 -31.48 6.32
CA GLY C 28 -26.26 -30.91 7.62
C GLY C 28 -25.04 -30.03 7.67
N ILE C 29 -24.60 -29.51 6.52
CA ILE C 29 -23.36 -28.72 6.45
C ILE C 29 -23.41 -27.52 7.40
N PHE C 30 -24.57 -26.87 7.51
CA PHE C 30 -24.71 -25.67 8.32
C PHE C 30 -25.43 -25.91 9.63
N LYS C 31 -25.52 -27.16 10.08
CA LYS C 31 -26.35 -27.51 11.23
C LYS C 31 -25.93 -26.80 12.53
N SER C 32 -24.67 -26.39 12.63
N SER C 32 -24.66 -26.40 12.64
CA SER C 32 -24.19 -25.79 13.88
CA SER C 32 -24.16 -25.79 13.86
C SER C 32 -24.27 -24.27 13.88
C SER C 32 -24.51 -24.31 13.97
N ILE C 33 -24.92 -23.68 12.87
CA ILE C 33 -25.07 -22.23 12.80
C ILE C 33 -26.50 -21.87 13.19
N ARG C 34 -26.64 -20.82 14.00
N ARG C 34 -26.64 -20.84 14.03
CA ARG C 34 -27.94 -20.31 14.41
CA ARG C 34 -27.96 -20.35 14.40
C ARG C 34 -28.40 -19.28 13.39
C ARG C 34 -28.39 -19.30 13.38
N PHE C 35 -29.48 -19.58 12.68
CA PHE C 35 -29.98 -18.69 11.64
C PHE C 35 -30.95 -17.68 12.23
N SER C 36 -31.16 -16.58 11.50
CA SER C 36 -32.16 -15.56 11.82
C SER C 36 -31.87 -14.81 13.12
N SER C 37 -30.87 -15.23 13.87
CA SER C 37 -30.48 -14.57 15.11
C SER C 37 -29.26 -13.71 14.87
N LYS C 38 -29.20 -12.57 15.53
CA LYS C 38 -28.02 -11.74 15.42
C LYS C 38 -27.04 -12.14 16.49
N GLU C 39 -25.75 -12.12 16.15
CA GLU C 39 -24.73 -12.45 17.12
C GLU C 39 -23.72 -11.31 17.13
N LYS C 40 -23.46 -10.76 18.31
CA LYS C 40 -22.65 -9.54 18.43
C LYS C 40 -21.19 -9.87 18.72
N PHE C 41 -20.28 -9.17 18.05
CA PHE C 41 -18.85 -9.26 18.23
C PHE C 41 -18.28 -7.89 18.52
N PRO C 42 -17.28 -7.77 19.39
CA PRO C 42 -16.49 -6.53 19.46
C PRO C 42 -15.77 -6.33 18.14
N SER C 43 -15.65 -5.06 17.71
CA SER C 43 -14.98 -4.76 16.45
C SER C 43 -13.51 -5.15 16.47
N ILE C 44 -12.92 -5.35 17.66
CA ILE C 44 -11.52 -5.77 17.72
C ILE C 44 -11.36 -7.26 17.58
N GLU C 45 -12.46 -8.01 17.40
CA GLU C 45 -12.40 -9.45 17.17
C GLU C 45 -12.25 -9.73 15.67
N VAL C 46 -11.68 -10.91 15.37
CA VAL C 46 -11.62 -11.46 14.01
C VAL C 46 -12.56 -12.66 13.98
N VAL C 47 -13.43 -12.69 12.98
CA VAL C 47 -14.43 -13.76 12.86
C VAL C 47 -13.94 -14.76 11.82
N LYS C 48 -13.84 -16.01 12.23
CA LYS C 48 -13.27 -17.07 11.42
C LYS C 48 -14.32 -18.09 11.02
N PHE C 49 -14.25 -18.54 9.79
CA PHE C 49 -15.15 -19.55 9.22
C PHE C 49 -14.32 -20.74 8.75
N GLY C 50 -14.73 -21.95 9.09
CA GLY C 50 -13.99 -23.11 8.62
C GLY C 50 -14.54 -24.40 9.18
N ARG C 51 -13.70 -25.43 9.15
CA ARG C 51 -14.11 -26.76 9.60
C ARG C 51 -13.84 -26.97 11.09
N ASN C 52 -12.85 -26.28 11.65
CA ASN C 52 -12.34 -26.59 12.98
C ASN C 52 -13.03 -25.68 13.99
N SER C 53 -13.85 -26.28 14.86
CA SER C 53 -14.65 -25.49 15.80
C SER C 53 -13.81 -24.90 16.92
N ASN C 54 -12.61 -25.42 17.18
CA ASN C 54 -11.75 -24.76 18.16
C ASN C 54 -11.19 -23.45 17.63
N MET C 55 -11.04 -23.34 16.30
N MET C 55 -11.02 -23.34 16.30
CA MET C 55 -10.42 -22.16 15.70
CA MET C 55 -10.42 -22.14 15.71
C MET C 55 -11.42 -21.20 15.08
C MET C 55 -11.44 -21.18 15.12
N CYS C 56 -12.64 -21.65 14.77
CA CYS C 56 -13.62 -20.85 14.03
C CYS C 56 -14.88 -20.63 14.84
N GLN C 57 -15.36 -19.39 14.85
CA GLN C 57 -16.66 -19.12 15.45
C GLN C 57 -17.79 -19.80 14.67
N TYR C 58 -17.63 -19.94 13.35
CA TYR C 58 -18.63 -20.55 12.50
C TYR C 58 -18.01 -21.73 11.78
N THR C 59 -18.62 -22.91 11.91
CA THR C 59 -18.08 -24.12 11.32
C THR C 59 -19.02 -24.69 10.28
N PHE C 60 -18.42 -25.21 9.21
CA PHE C 60 -19.12 -25.95 8.17
C PHE C 60 -18.75 -27.42 8.35
N GLN C 61 -19.76 -28.29 8.42
CA GLN C 61 -19.52 -29.71 8.66
C GLN C 61 -19.30 -30.35 7.30
N ASP C 62 -18.06 -30.28 6.83
CA ASP C 62 -17.71 -30.65 5.47
C ASP C 62 -16.21 -30.94 5.42
N LYS C 63 -15.85 -32.16 5.02
CA LYS C 63 -14.45 -32.54 4.97
C LYS C 63 -13.68 -31.78 3.90
N GLN C 64 -14.37 -31.15 2.95
CA GLN C 64 -13.74 -30.36 1.91
C GLN C 64 -13.33 -28.96 2.38
N VAL C 65 -13.79 -28.54 3.56
CA VAL C 65 -13.53 -27.20 4.09
C VAL C 65 -12.24 -27.22 4.88
N SER C 66 -11.42 -26.18 4.71
CA SER C 66 -10.15 -26.12 5.42
C SER C 66 -10.38 -25.79 6.90
N ARG C 67 -9.37 -26.09 7.73
N ARG C 67 -9.38 -26.15 7.73
CA ARG C 67 -9.51 -25.86 9.17
CA ARG C 67 -9.39 -25.85 9.15
C ARG C 67 -9.89 -24.41 9.47
C ARG C 67 -9.90 -24.44 9.43
N ILE C 68 -9.34 -23.46 8.72
CA ILE C 68 -9.89 -22.11 8.64
C ILE C 68 -10.03 -21.81 7.16
N GLN C 69 -11.26 -21.52 6.72
CA GLN C 69 -11.44 -21.19 5.31
C GLN C 69 -11.13 -19.72 5.04
N PHE C 70 -11.71 -18.82 5.83
CA PHE C 70 -11.48 -17.40 5.63
C PHE C 70 -11.80 -16.66 6.92
N VAL C 71 -11.39 -15.39 6.97
CA VAL C 71 -11.61 -14.57 8.15
C VAL C 71 -12.17 -13.23 7.73
N LEU C 72 -12.97 -12.64 8.62
CA LEU C 72 -13.50 -11.30 8.47
C LEU C 72 -12.77 -10.36 9.41
N GLN C 73 -12.26 -9.25 8.87
CA GLN C 73 -11.41 -8.33 9.63
C GLN C 73 -12.05 -6.94 9.61
N PRO C 74 -12.74 -6.55 10.68
CA PRO C 74 -13.34 -5.21 10.71
C PRO C 74 -12.28 -4.11 10.74
N PHE C 75 -12.54 -3.03 10.02
CA PHE C 75 -11.64 -1.89 10.04
C PHE C 75 -12.41 -0.63 9.70
N LYS C 76 -11.75 0.52 9.86
CA LYS C 76 -12.34 1.81 9.50
C LYS C 76 -11.46 2.49 8.48
N GLN C 77 -12.05 2.81 7.33
CA GLN C 77 -11.35 3.60 6.34
C GLN C 77 -11.16 5.02 6.87
N PHE C 78 -10.11 5.68 6.42
CA PHE C 78 -9.89 7.06 6.86
C PHE C 78 -11.09 7.93 6.51
N ASN C 79 -11.43 8.85 7.40
CA ASN C 79 -12.55 9.79 7.27
C ASN C 79 -13.88 9.10 6.98
N SER C 80 -14.01 7.84 7.37
CA SER C 80 -15.26 7.11 7.29
C SER C 80 -15.92 7.05 8.66
N SER C 81 -17.24 7.06 8.68
CA SER C 81 -18.00 6.97 9.92
C SER C 81 -18.44 5.57 10.27
N VAL C 82 -18.20 4.58 9.40
CA VAL C 82 -18.80 3.27 9.56
C VAL C 82 -17.73 2.20 9.59
N LEU C 83 -18.12 1.04 10.11
CA LEU C 83 -17.28 -0.14 10.05
C LEU C 83 -17.27 -0.69 8.63
N SER C 84 -16.08 -0.98 8.12
CA SER C 84 -15.90 -1.77 6.91
C SER C 84 -15.35 -3.14 7.32
N PHE C 85 -15.34 -4.07 6.36
CA PHE C 85 -14.82 -5.40 6.64
C PHE C 85 -13.95 -5.89 5.48
N GLU C 86 -12.79 -6.42 5.83
CA GLU C 86 -12.02 -7.21 4.87
C GLU C 86 -12.39 -8.68 5.01
N ILE C 87 -12.35 -9.39 3.89
CA ILE C 87 -12.31 -10.84 3.92
C ILE C 87 -10.92 -11.27 3.46
N LYS C 88 -10.39 -12.31 4.10
CA LYS C 88 -9.07 -12.82 3.75
C LYS C 88 -9.15 -14.34 3.63
N ASN C 89 -8.68 -14.88 2.50
CA ASN C 89 -8.66 -16.32 2.32
C ASN C 89 -7.55 -16.96 3.16
N MET C 90 -7.90 -17.91 4.02
CA MET C 90 -6.90 -18.63 4.79
C MET C 90 -6.58 -20.02 4.24
N SER C 91 -7.22 -20.44 3.16
CA SER C 91 -7.06 -21.79 2.64
C SER C 91 -5.90 -21.83 1.64
N LYS C 92 -4.98 -22.75 1.86
CA LYS C 92 -3.91 -22.99 0.90
C LYS C 92 -4.38 -23.81 -0.29
N LYS C 93 -5.59 -24.35 -0.21
CA LYS C 93 -6.13 -25.33 -1.16
C LYS C 93 -7.19 -24.76 -2.07
N THR C 94 -8.03 -23.86 -1.57
CA THR C 94 -9.25 -23.48 -2.23
C THR C 94 -9.31 -21.96 -2.36
N SER C 95 -9.41 -21.47 -3.60
N SER C 95 -9.40 -21.48 -3.60
CA SER C 95 -9.52 -20.05 -3.83
CA SER C 95 -9.55 -20.05 -3.85
C SER C 95 -10.90 -19.54 -3.42
C SER C 95 -10.89 -19.57 -3.32
N LEU C 96 -10.96 -18.27 -3.04
CA LEU C 96 -12.17 -17.64 -2.56
C LEU C 96 -12.50 -16.49 -3.51
N MET C 97 -13.67 -16.55 -4.14
CA MET C 97 -14.12 -15.50 -5.04
C MET C 97 -14.93 -14.46 -4.26
N VAL C 98 -14.59 -13.19 -4.46
CA VAL C 98 -15.40 -12.07 -4.01
C VAL C 98 -15.86 -11.40 -5.28
N ASP C 99 -17.14 -11.54 -5.61
CA ASP C 99 -17.66 -11.19 -6.93
C ASP C 99 -16.74 -11.85 -7.97
N ASN C 100 -16.05 -11.04 -8.77
N ASN C 100 -16.05 -11.05 -8.77
CA ASN C 100 -15.17 -11.57 -9.81
CA ASN C 100 -15.17 -11.57 -9.82
C ASN C 100 -13.69 -11.43 -9.46
C ASN C 100 -13.70 -11.61 -9.41
N GLN C 101 -13.37 -11.22 -8.19
CA GLN C 101 -11.99 -11.17 -7.73
C GLN C 101 -11.62 -12.51 -7.09
N GLU C 102 -10.54 -13.12 -7.56
CA GLU C 102 -10.08 -14.39 -7.00
C GLU C 102 -9.04 -14.13 -5.92
N LEU C 103 -9.28 -14.64 -4.73
CA LEU C 103 -8.37 -14.51 -3.60
C LEU C 103 -7.71 -15.85 -3.33
N GLY C 104 -6.38 -15.90 -3.45
CA GLY C 104 -5.62 -17.05 -3.04
C GLY C 104 -5.24 -16.98 -1.58
N TYR C 105 -4.37 -17.91 -1.17
CA TYR C 105 -3.92 -17.98 0.22
C TYR C 105 -3.40 -16.63 0.69
N LEU C 106 -3.97 -16.13 1.79
CA LEU C 106 -3.63 -14.88 2.48
C LEU C 106 -3.93 -13.63 1.67
N ASN C 107 -4.61 -13.73 0.54
CA ASN C 107 -5.07 -12.54 -0.16
C ASN C 107 -6.33 -12.02 0.52
N LYS C 108 -6.47 -10.69 0.61
CA LYS C 108 -7.63 -10.12 1.27
C LYS C 108 -8.24 -9.04 0.39
N MET C 109 -9.44 -8.61 0.77
N MET C 109 -9.46 -8.65 0.74
CA MET C 109 -10.16 -7.61 0.01
CA MET C 109 -10.23 -7.73 -0.09
C MET C 109 -11.21 -6.95 0.88
C MET C 109 -11.22 -6.97 0.78
N ASP C 110 -11.31 -5.64 0.77
N ASP C 110 -11.32 -5.67 0.56
CA ASP C 110 -12.38 -4.89 1.40
CA ASP C 110 -12.41 -4.90 1.15
C ASP C 110 -13.72 -5.25 0.75
C ASP C 110 -13.74 -5.46 0.66
N LEU C 111 -14.71 -5.58 1.57
CA LEU C 111 -15.98 -6.12 1.07
C LEU C 111 -16.91 -4.99 0.63
N PRO C 112 -17.50 -5.05 -0.56
CA PRO C 112 -18.55 -4.10 -0.92
C PRO C 112 -19.75 -4.26 0.01
N TYR C 113 -20.62 -3.24 0.01
CA TYR C 113 -21.85 -3.33 0.80
C TYR C 113 -22.66 -4.56 0.44
N LYS C 114 -22.70 -4.91 -0.83
N LYS C 114 -22.68 -4.93 -0.83
CA LYS C 114 -23.38 -6.12 -1.31
CA LYS C 114 -23.39 -6.13 -1.27
C LYS C 114 -22.44 -6.84 -2.25
C LYS C 114 -22.51 -6.87 -2.27
N CYS C 115 -22.16 -8.11 -1.96
CA CYS C 115 -21.29 -8.89 -2.83
C CYS C 115 -21.58 -10.37 -2.67
N MET C 116 -21.06 -11.15 -3.60
CA MET C 116 -21.22 -12.60 -3.62
C MET C 116 -19.89 -13.26 -3.30
N LEU C 117 -19.89 -14.15 -2.32
CA LEU C 117 -18.74 -14.98 -2.01
C LEU C 117 -18.95 -16.38 -2.55
N ARG C 118 -17.91 -16.95 -3.16
CA ARG C 118 -17.95 -18.33 -3.61
C ARG C 118 -16.66 -19.03 -3.22
N PHE C 119 -16.79 -20.23 -2.67
CA PHE C 119 -15.64 -21.08 -2.42
C PHE C 119 -16.10 -22.52 -2.54
N GLY C 120 -15.45 -23.28 -3.40
CA GLY C 120 -15.97 -24.60 -3.75
C GLY C 120 -17.40 -24.47 -4.20
N GLU C 121 -18.28 -25.29 -3.61
CA GLU C 121 -19.69 -25.26 -3.92
C GLU C 121 -20.48 -24.25 -3.09
N TYR C 122 -19.85 -23.57 -2.15
CA TYR C 122 -20.55 -22.63 -1.27
C TYR C 122 -20.87 -21.33 -1.99
N GLN C 123 -22.06 -20.80 -1.71
CA GLN C 123 -22.49 -19.49 -2.21
C GLN C 123 -22.97 -18.64 -1.04
N PHE C 124 -22.35 -17.47 -0.84
CA PHE C 124 -22.76 -16.53 0.20
C PHE C 124 -23.06 -15.18 -0.42
N LEU C 125 -24.29 -14.70 -0.25
CA LEU C 125 -24.61 -13.29 -0.54
C LEU C 125 -24.44 -12.47 0.73
N LEU C 126 -23.52 -11.51 0.71
CA LEU C 126 -23.23 -10.67 1.87
C LEU C 126 -23.84 -9.29 1.68
N GLN C 127 -24.55 -8.80 2.71
CA GLN C 127 -25.14 -7.47 2.69
C GLN C 127 -24.84 -6.80 4.02
N LYS C 128 -24.20 -5.63 3.97
CA LYS C 128 -23.92 -4.86 5.16
C LYS C 128 -24.98 -3.78 5.34
N GLU C 129 -25.47 -3.63 6.58
CA GLU C 129 -26.36 -2.53 6.94
C GLU C 129 -25.77 -1.78 8.12
N ASP C 130 -25.48 -0.49 7.93
CA ASP C 130 -24.80 0.28 8.97
C ASP C 130 -25.75 0.62 10.12
N GLY C 131 -25.22 0.55 11.35
CA GLY C 131 -25.96 0.95 12.52
C GLY C 131 -25.21 1.95 13.38
N GLU C 132 -25.59 2.07 14.64
CA GLU C 132 -25.17 3.20 15.47
C GLU C 132 -23.97 2.88 16.35
N SER C 133 -22.94 2.26 15.79
CA SER C 133 -21.74 1.97 16.57
C SER C 133 -20.62 1.58 15.61
N VAL C 134 -19.39 1.87 16.01
CA VAL C 134 -18.24 1.24 15.36
C VAL C 134 -17.52 0.31 16.30
N GLU C 135 -18.03 0.11 17.52
CA GLU C 135 -17.32 -0.67 18.53
C GLU C 135 -17.77 -2.11 18.61
N SER C 136 -18.89 -2.46 17.99
CA SER C 136 -19.31 -3.85 17.87
C SER C 136 -20.12 -3.96 16.58
N PHE C 137 -20.35 -5.20 16.14
CA PHE C 137 -21.18 -5.43 14.97
C PHE C 137 -21.86 -6.78 15.17
N GLU C 138 -22.86 -7.09 14.33
CA GLU C 138 -23.55 -8.36 14.45
C GLU C 138 -23.53 -9.10 13.11
N THR C 139 -23.48 -10.43 13.18
CA THR C 139 -23.69 -11.28 12.03
C THR C 139 -25.14 -11.74 12.03
N GLN C 140 -25.62 -12.10 10.85
CA GLN C 140 -26.92 -12.73 10.71
C GLN C 140 -26.87 -13.64 9.51
N PHE C 141 -27.43 -14.84 9.65
CA PHE C 141 -27.41 -15.86 8.60
C PHE C 141 -28.81 -16.16 8.13
N ILE C 142 -28.94 -16.38 6.83
CA ILE C 142 -30.20 -16.77 6.21
C ILE C 142 -29.88 -17.88 5.22
N MET C 143 -30.50 -19.04 5.41
CA MET C 143 -30.36 -20.13 4.46
C MET C 143 -31.34 -19.98 3.31
N SER C 144 -30.81 -20.03 2.08
CA SER C 144 -31.61 -20.04 0.86
C SER C 144 -31.85 -21.48 0.42
N SER C 145 -33.09 -21.78 0.02
CA SER C 145 -33.35 -23.11 -0.50
C SER C 145 -32.91 -23.25 -1.96
N ARG C 146 -32.63 -22.13 -2.63
CA ARG C 146 -32.32 -22.05 -4.05
C ARG C 146 -30.94 -21.43 -4.28
N PRO C 147 -30.24 -21.86 -5.33
CA PRO C 147 -28.96 -21.23 -5.64
C PRO C 147 -29.10 -19.72 -5.74
N LEU C 148 -28.05 -19.03 -5.33
CA LEU C 148 -28.00 -17.57 -5.37
C LEU C 148 -27.50 -17.03 -6.69
N LEU C 149 -26.87 -17.86 -7.52
CA LEU C 149 -26.54 -17.48 -8.88
C LEU C 149 -26.83 -18.64 -9.83
N ARG D 8 17.45 -15.88 3.06
CA ARG D 8 16.69 -15.59 4.27
C ARG D 8 15.37 -16.35 4.27
N PRO D 9 15.25 -17.37 5.14
CA PRO D 9 14.07 -18.25 5.12
C PRO D 9 12.80 -17.65 5.72
N LEU D 10 12.93 -16.73 6.67
CA LEU D 10 11.78 -16.06 7.27
C LEU D 10 11.92 -14.55 7.11
N THR D 11 10.80 -13.88 6.87
CA THR D 11 10.74 -12.42 7.00
C THR D 11 11.08 -12.03 8.44
N VAL D 12 11.94 -11.02 8.58
CA VAL D 12 12.38 -10.53 9.88
C VAL D 12 11.83 -9.13 10.08
N LEU D 13 11.17 -8.91 11.21
CA LEU D 13 10.84 -7.56 11.69
C LEU D 13 11.81 -7.22 12.80
N GLN D 14 12.72 -6.29 12.54
CA GLN D 14 13.62 -5.75 13.57
C GLN D 14 12.89 -4.63 14.29
N VAL D 15 12.58 -4.86 15.56
CA VAL D 15 11.70 -3.98 16.33
C VAL D 15 12.51 -3.35 17.45
N SER D 16 12.61 -2.03 17.44
CA SER D 16 13.26 -1.27 18.50
C SER D 16 12.21 -0.59 19.36
N LEU D 17 12.41 -0.61 20.68
CA LEU D 17 11.43 -0.05 21.60
C LEU D 17 12.09 0.94 22.54
N TYR D 18 11.39 2.03 22.84
CA TYR D 18 11.89 3.06 23.74
C TYR D 18 10.73 3.76 24.44
N HIS D 19 10.94 4.10 25.72
CA HIS D 19 10.02 4.95 26.44
C HIS D 19 10.89 5.80 27.35
N PRO D 20 10.63 7.11 27.44
CA PRO D 20 11.56 8.01 28.13
C PRO D 20 11.65 7.76 29.64
N THR D 21 10.66 7.12 30.26
CA THR D 21 10.64 7.02 31.71
C THR D 21 10.25 5.66 32.26
N GLN D 22 9.38 4.90 31.58
CA GLN D 22 8.86 3.65 32.14
C GLN D 22 9.34 2.43 31.36
N GLY D 23 10.43 2.55 30.62
CA GLY D 23 10.98 1.46 29.85
C GLY D 23 11.17 0.17 30.63
N PRO D 24 11.85 0.23 31.78
CA PRO D 24 12.07 -1.02 32.54
C PRO D 24 10.81 -1.78 32.86
N VAL D 25 9.76 -1.10 33.32
CA VAL D 25 8.52 -1.79 33.66
C VAL D 25 7.78 -2.17 32.39
N ALA D 26 7.71 -1.25 31.42
CA ALA D 26 6.94 -1.47 30.20
C ALA D 26 7.49 -2.64 29.39
N PHE D 27 8.81 -2.79 29.36
CA PHE D 27 9.45 -3.76 28.48
C PHE D 27 9.93 -4.99 29.22
N ALA D 28 9.56 -5.15 30.50
CA ALA D 28 10.02 -6.28 31.30
C ALA D 28 9.57 -7.61 30.72
N HIS D 29 8.52 -7.62 29.90
CA HIS D 29 8.00 -8.85 29.34
C HIS D 29 8.34 -9.02 27.86
N VAL D 30 9.19 -8.16 27.32
CA VAL D 30 9.55 -8.21 25.90
C VAL D 30 10.65 -9.25 25.71
N PRO D 31 10.42 -10.27 24.89
CA PRO D 31 11.43 -11.31 24.69
C PRO D 31 12.49 -10.86 23.71
N GLN D 32 13.56 -11.67 23.64
CA GLN D 32 14.61 -11.39 22.66
C GLN D 32 14.08 -11.53 21.24
N GLN D 33 13.28 -12.56 20.99
CA GLN D 33 12.70 -12.80 19.67
C GLN D 33 11.33 -13.42 19.86
N LEU D 34 10.48 -13.24 18.85
CA LEU D 34 9.12 -13.77 18.86
C LEU D 34 8.81 -14.28 17.46
N GLN D 35 8.62 -15.59 17.33
CA GLN D 35 8.16 -16.18 16.09
C GLN D 35 6.64 -16.18 16.05
N HIS D 36 6.07 -15.96 14.87
CA HIS D 36 4.62 -15.84 14.75
C HIS D 36 4.17 -16.48 13.44
N ASP D 37 2.91 -16.91 13.40
CA ASP D 37 2.36 -17.56 12.23
C ASP D 37 1.58 -16.57 11.36
N ALA D 38 0.58 -17.06 10.62
CA ALA D 38 -0.20 -16.23 9.71
C ALA D 38 -1.37 -15.53 10.36
N SER D 39 -1.60 -15.72 11.66
CA SER D 39 -2.62 -14.95 12.36
C SER D 39 -2.09 -13.58 12.72
N ARG D 40 -3.00 -12.67 13.08
CA ARG D 40 -2.57 -11.35 13.54
C ARG D 40 -1.77 -11.44 14.83
N LEU D 41 -0.85 -10.50 14.99
CA LEU D 41 0.01 -10.40 16.17
C LEU D 41 -0.49 -9.23 17.01
N LEU D 42 -0.93 -9.54 18.23
CA LEU D 42 -1.55 -8.55 19.11
C LEU D 42 -0.51 -7.90 20.00
N VAL D 43 -0.55 -6.57 20.07
CA VAL D 43 0.33 -5.80 20.95
C VAL D 43 -0.53 -5.03 21.93
N GLY D 44 -0.21 -5.13 23.22
CA GLY D 44 -0.95 -4.38 24.21
C GLY D 44 -0.50 -4.73 25.61
N ARG D 45 -1.23 -4.23 26.60
CA ARG D 45 -0.88 -4.58 27.97
C ARG D 45 -1.59 -5.83 28.46
N GLY D 46 -2.50 -6.39 27.67
CA GLY D 46 -3.21 -7.58 28.10
C GLY D 46 -2.29 -8.79 28.21
N GLN D 47 -2.66 -9.70 29.10
CA GLN D 47 -1.91 -10.95 29.21
C GLN D 47 -2.10 -11.84 28.00
N ASN D 48 -3.20 -11.68 27.26
CA ASN D 48 -3.49 -12.44 26.06
C ASN D 48 -2.79 -11.89 24.81
N THR D 49 -1.91 -10.92 24.95
CA THR D 49 -1.24 -10.37 23.77
C THR D 49 -0.02 -11.22 23.43
N HIS D 50 0.45 -11.06 22.18
CA HIS D 50 1.68 -11.73 21.76
C HIS D 50 2.92 -10.92 22.10
N LEU D 51 2.81 -9.61 22.08
CA LEU D 51 3.85 -8.72 22.61
C LEU D 51 3.19 -7.89 23.71
N GLN D 52 3.54 -8.17 24.97
CA GLN D 52 2.95 -7.45 26.09
C GLN D 52 3.83 -6.26 26.45
N LEU D 53 3.24 -5.07 26.43
CA LEU D 53 3.90 -3.84 26.85
C LEU D 53 3.17 -3.32 28.08
N GLN D 54 3.85 -3.31 29.22
CA GLN D 54 3.21 -3.03 30.52
C GLN D 54 3.27 -1.54 30.84
N LEU D 55 2.37 -0.80 30.20
CA LEU D 55 2.13 0.61 30.47
C LEU D 55 0.65 0.78 30.75
N PRO D 56 0.24 1.33 31.89
CA PRO D 56 -1.19 1.58 32.11
C PRO D 56 -1.81 2.50 31.07
N GLN D 57 -1.02 3.36 30.42
CA GLN D 57 -1.56 4.21 29.36
C GLN D 57 -2.04 3.40 28.15
N LEU D 58 -1.63 2.14 28.04
CA LEU D 58 -2.00 1.32 26.89
C LEU D 58 -3.33 0.61 27.14
N SER D 59 -3.97 0.22 26.04
CA SER D 59 -5.13 -0.65 26.09
C SER D 59 -4.69 -2.11 26.22
N ARG D 60 -5.58 -2.95 26.75
CA ARG D 60 -5.34 -4.40 26.75
C ARG D 60 -4.89 -4.88 25.37
N TYR D 61 -5.66 -4.52 24.34
CA TYR D 61 -5.27 -4.75 22.95
C TYR D 61 -5.11 -3.38 22.31
N HIS D 62 -3.88 -3.03 21.94
CA HIS D 62 -3.58 -1.66 21.53
C HIS D 62 -3.41 -1.54 20.03
N LEU D 63 -2.66 -2.45 19.41
CA LEU D 63 -2.60 -2.47 17.95
C LEU D 63 -2.30 -3.90 17.53
N SER D 64 -2.46 -4.17 16.23
CA SER D 64 -2.16 -5.48 15.69
C SER D 64 -1.30 -5.35 14.45
N LEU D 65 -0.47 -6.37 14.23
CA LEU D 65 0.27 -6.53 13.00
C LEU D 65 -0.26 -7.78 12.30
N GLU D 66 -0.83 -7.59 11.11
CA GLU D 66 -1.47 -8.66 10.37
C GLU D 66 -0.63 -9.05 9.17
N PRO D 67 -0.14 -10.29 9.07
CA PRO D 67 0.55 -10.70 7.85
C PRO D 67 -0.44 -11.05 6.76
N TYR D 68 -0.13 -10.65 5.53
CA TYR D 68 -1.00 -11.00 4.41
C TYR D 68 -0.17 -11.01 3.13
N LEU D 69 -0.82 -11.36 2.03
CA LEU D 69 -0.17 -11.36 0.72
C LEU D 69 -0.95 -10.48 -0.23
N GLU D 70 -0.28 -9.52 -0.85
CA GLU D 70 -0.86 -8.86 -2.00
C GLU D 70 -1.01 -9.87 -3.12
N LYS D 71 -2.05 -9.71 -3.93
CA LYS D 71 -2.17 -10.58 -5.09
C LYS D 71 -0.94 -10.43 -5.98
N GLY D 72 -0.39 -11.57 -6.41
CA GLY D 72 0.83 -11.60 -7.20
C GLY D 72 2.11 -11.51 -6.40
N SER D 73 2.05 -11.60 -5.07
CA SER D 73 3.22 -11.42 -4.23
C SER D 73 3.69 -12.75 -3.64
N SER D 74 5.00 -12.90 -3.53
CA SER D 74 5.61 -14.02 -2.85
C SER D 74 6.35 -13.60 -1.58
N LEU D 75 6.07 -12.39 -1.07
CA LEU D 75 6.66 -11.88 0.16
C LEU D 75 5.56 -11.33 1.05
N LEU D 76 5.57 -11.75 2.31
CA LEU D 76 4.56 -11.27 3.25
C LEU D 76 4.57 -9.75 3.36
N ALA D 77 3.38 -9.16 3.36
CA ALA D 77 3.12 -7.78 3.73
C ALA D 77 2.51 -7.75 5.12
N PHE D 78 2.54 -6.56 5.74
CA PHE D 78 2.09 -6.41 7.12
C PHE D 78 1.22 -5.18 7.25
N CYS D 79 0.03 -5.37 7.81
CA CYS D 79 -0.95 -4.32 8.02
C CYS D 79 -1.00 -3.99 9.50
N LEU D 80 -0.72 -2.73 9.85
CA LEU D 80 -0.84 -2.27 11.23
C LEU D 80 -2.21 -1.63 11.42
N LYS D 81 -3.00 -2.17 12.34
CA LYS D 81 -4.31 -1.61 12.65
C LYS D 81 -4.37 -1.22 14.13
N VAL D 82 -5.00 -0.08 14.38
CA VAL D 82 -5.16 0.43 15.75
C VAL D 82 -6.35 -0.25 16.40
N LEU D 83 -6.13 -0.80 17.60
CA LEU D 83 -7.19 -1.46 18.36
C LEU D 83 -7.58 -0.67 19.61
N THR D 84 -6.76 0.28 20.04
CA THR D 84 -7.05 1.04 21.24
C THR D 84 -8.15 2.07 21.00
N ARG D 85 -8.95 2.29 22.03
CA ARG D 85 -9.95 3.35 22.03
C ARG D 85 -9.53 4.57 22.83
N LYS D 86 -8.30 4.61 23.33
CA LYS D 86 -7.84 5.65 24.26
C LYS D 86 -6.85 6.64 23.69
N SER D 87 -6.22 6.33 22.56
CA SER D 87 -5.17 7.21 22.05
C SER D 87 -4.97 6.92 20.57
N CYS D 88 -4.09 7.70 19.96
CA CYS D 88 -3.75 7.55 18.55
C CYS D 88 -2.39 6.89 18.42
N VAL D 89 -2.18 6.26 17.27
CA VAL D 89 -0.90 5.65 16.92
C VAL D 89 -0.39 6.36 15.68
N TRP D 90 0.76 7.02 15.78
CA TRP D 90 1.38 7.63 14.61
C TRP D 90 2.18 6.58 13.86
N VAL D 91 1.94 6.45 12.56
CA VAL D 91 2.69 5.51 11.73
C VAL D 91 3.19 6.30 10.53
N ASN D 92 4.51 6.54 10.46
CA ASN D 92 5.11 7.18 9.28
C ASN D 92 4.43 8.51 8.94
N GLY D 93 4.11 9.30 9.97
CA GLY D 93 3.57 10.63 9.78
C GLY D 93 2.06 10.73 9.73
N LEU D 94 1.33 9.62 9.82
CA LEU D 94 -0.13 9.65 9.84
C LEU D 94 -0.63 9.31 11.24
N PRO D 95 -1.53 10.12 11.80
CA PRO D 95 -2.12 9.79 13.12
C PRO D 95 -3.32 8.86 12.96
N LEU D 96 -3.13 7.59 13.29
CA LEU D 96 -4.18 6.59 13.17
C LEU D 96 -4.97 6.47 14.47
N ARG D 97 -6.28 6.35 14.34
CA ARG D 97 -7.14 6.13 15.50
C ARG D 97 -7.87 4.81 15.32
N TYR D 98 -8.79 4.54 16.25
CA TYR D 98 -9.45 3.24 16.40
C TYR D 98 -9.85 2.62 15.07
N LEU D 99 -9.30 1.45 14.78
CA LEU D 99 -9.59 0.56 13.64
C LEU D 99 -9.07 1.07 12.31
N GLU D 100 -8.37 2.20 12.29
CA GLU D 100 -7.68 2.63 11.09
C GLU D 100 -6.40 1.83 10.92
N GLN D 101 -5.91 1.75 9.69
CA GLN D 101 -4.83 0.82 9.39
C GLN D 101 -3.99 1.30 8.20
N VAL D 102 -2.72 0.90 8.20
CA VAL D 102 -1.82 1.15 7.07
C VAL D 102 -0.90 -0.04 6.91
N PRO D 103 -0.43 -0.27 5.68
CA PRO D 103 0.61 -1.27 5.47
C PRO D 103 1.96 -0.76 5.94
N LEU D 104 2.80 -1.67 6.43
CA LEU D 104 4.16 -1.31 6.78
C LEU D 104 5.05 -1.31 5.54
N GLY D 105 6.03 -0.41 5.54
CA GLY D 105 7.09 -0.40 4.56
C GLY D 105 8.36 -1.03 5.09
N THR D 106 9.47 -0.73 4.41
CA THR D 106 10.77 -1.27 4.82
C THR D 106 11.21 -0.72 6.18
N ILE D 107 11.09 0.60 6.36
CA ILE D 107 11.44 1.25 7.61
C ILE D 107 10.21 2.00 8.10
N ASN D 108 9.86 1.81 9.37
CA ASN D 108 8.64 2.36 9.93
C ASN D 108 8.93 3.06 11.26
N ARG D 109 8.37 4.25 11.42
CA ARG D 109 8.43 5.01 12.66
C ARG D 109 7.04 5.03 13.28
N ILE D 110 6.90 4.41 14.45
CA ILE D 110 5.61 4.21 15.09
C ILE D 110 5.71 4.74 16.50
N SER D 111 4.81 5.64 16.87
CA SER D 111 4.81 6.14 18.24
C SER D 111 3.40 6.11 18.80
N PHE D 112 3.30 5.70 20.06
CA PHE D 112 1.98 5.56 20.66
C PHE D 112 2.13 5.69 22.16
N SER D 113 1.44 6.67 22.75
CA SER D 113 1.30 6.80 24.21
C SER D 113 2.66 6.86 24.89
N GLY D 114 3.61 7.55 24.26
CA GLY D 114 4.94 7.71 24.80
C GLY D 114 5.94 6.68 24.35
N ILE D 115 5.50 5.50 23.92
CA ILE D 115 6.40 4.50 23.36
C ILE D 115 6.82 4.94 21.97
N GLN D 116 8.12 4.86 21.69
CA GLN D 116 8.66 5.02 20.35
C GLN D 116 9.09 3.67 19.82
N MET D 117 8.64 3.32 18.62
CA MET D 117 8.90 2.00 18.06
C MET D 117 9.38 2.13 16.62
N LEU D 118 10.50 1.49 16.32
CA LEU D 118 10.98 1.30 14.96
C LEU D 118 10.75 -0.14 14.54
N VAL D 119 10.28 -0.32 13.31
CA VAL D 119 10.12 -1.65 12.72
C VAL D 119 10.80 -1.61 11.37
N ARG D 120 11.84 -2.42 11.21
CA ARG D 120 12.53 -2.57 9.94
C ARG D 120 12.24 -3.97 9.42
N LYS D 121 11.72 -4.05 8.19
CA LYS D 121 11.30 -5.31 7.61
C LYS D 121 12.38 -5.82 6.65
N GLU D 122 12.79 -7.07 6.85
N GLU D 122 12.81 -7.06 6.84
CA GLU D 122 13.72 -7.77 5.96
CA GLU D 122 13.71 -7.73 5.90
C GLU D 122 12.97 -8.96 5.39
C GLU D 122 13.00 -8.97 5.38
N GLY D 123 12.66 -8.93 4.10
CA GLY D 123 11.86 -10.00 3.52
C GLY D 123 12.58 -11.34 3.55
N GLY D 124 11.78 -12.41 3.70
CA GLY D 124 12.27 -13.76 3.60
C GLY D 124 11.25 -14.64 2.90
N ALA D 125 11.61 -15.93 2.76
CA ALA D 125 10.88 -16.83 1.86
C ALA D 125 9.53 -17.29 2.41
N SER D 126 9.39 -17.47 3.71
CA SER D 126 8.23 -18.17 4.23
C SER D 126 6.95 -17.36 4.10
N LEU D 127 5.86 -18.05 3.74
CA LEU D 127 4.54 -17.45 3.66
C LEU D 127 3.64 -17.87 4.81
N GLU D 128 4.18 -18.57 5.80
CA GLU D 128 3.39 -19.03 6.93
C GLU D 128 3.94 -18.59 8.29
N THR D 129 5.18 -18.10 8.35
CA THR D 129 5.84 -17.77 9.60
C THR D 129 6.76 -16.57 9.38
N PHE D 130 6.80 -15.68 10.36
CA PHE D 130 7.79 -14.62 10.41
C PHE D 130 8.33 -14.52 11.83
N VAL D 131 9.40 -13.74 12.02
CA VAL D 131 10.05 -13.61 13.32
C VAL D 131 10.30 -12.15 13.64
N CYS D 132 10.05 -11.77 14.90
CA CYS D 132 10.41 -10.46 15.40
C CYS D 132 11.65 -10.58 16.26
N TYR D 133 12.58 -9.64 16.09
CA TYR D 133 13.70 -9.47 16.99
C TYR D 133 13.53 -8.14 17.71
N PHE D 134 13.56 -8.18 19.04
CA PHE D 134 13.22 -7.02 19.85
C PHE D 134 14.47 -6.42 20.47
N HIS D 135 14.56 -5.11 20.39
CA HIS D 135 15.74 -4.37 20.84
C HIS D 135 15.27 -3.27 21.78
N LEU D 136 15.57 -3.43 23.07
CA LEU D 136 15.10 -2.51 24.10
C LEU D 136 16.10 -1.37 24.17
N SER D 137 15.79 -0.28 23.50
CA SER D 137 16.71 0.86 23.47
C SER D 137 16.56 1.68 24.74
N PRO D 138 17.65 1.97 25.44
CA PRO D 138 17.62 2.97 26.52
C PRO D 138 17.59 4.40 26.01
N SER D 139 17.69 4.60 24.68
CA SER D 139 17.84 5.88 24.01
C SER D 139 16.72 6.11 23.00
N PRO D 140 16.35 7.37 22.73
CA PRO D 140 15.18 7.63 21.88
C PRO D 140 15.40 7.17 20.45
N LEU D 141 14.29 6.85 19.80
CA LEU D 141 14.29 6.34 18.43
C LEU D 141 13.60 7.24 17.43
N ILE D 142 12.72 8.13 17.87
CA ILE D 142 11.97 9.03 17.00
C ILE D 142 12.02 10.44 17.59
#